data_5KX7
#
_entry.id   5KX7
#
_cell.length_a   87.800
_cell.length_b   114.280
_cell.length_c   139.440
_cell.angle_alpha   90.00
_cell.angle_beta   90.00
_cell.angle_gamma   90.00
#
_symmetry.space_group_name_H-M   'I 2 2 2'
#
loop_
_entity.id
_entity.type
_entity.pdbx_description
1 polymer 'Interleukin-1 receptor-associated kinase 4'
2 non-polymer ~{N}-(3-aminocarbonyl-1-methyl-pyrazol-4-yl)-6-(1-methylpyrazol-4-yl)pyridine-2-carboxamide
#
_entity_poly.entity_id   1
_entity_poly.type   'polypeptide(L)'
_entity_poly.pdbx_seq_one_letter_code
;VSDTRFHSFSFYELKNVTNNFDERPISVGGNKMGEGGFGVVYKGYVNNTTVAVKKLAAMVDITTEELKQQFDQEIKVMAK
CQHENLVELLGFSSDGDDLCLVYVYMPNGSLLDRLSCLDGTPPLSWHMRCKIAQGAANGINFLHENHHIHRDIKSANILL
DEAFTAKISDFGLARASEKFAQ(TPO)VM(TPO)(SEP)RIVGTTAYMAPEALRGEITPKSDIYSFGVVLLEIITGLPAV
DEHREPQLLLDIKEEIEDEEKTIEDYIDKKMNDADSTSVEAMYSVASQCLHEKKNKRPDIKKVQQLLQEMTAS
;
_entity_poly.pdbx_strand_id   A,B
#
loop_
_chem_comp.id
_chem_comp.type
_chem_comp.name
_chem_comp.formula
6YD non-polymer ~{N}-(3-aminocarbonyl-1-methyl-pyrazol-4-yl)-6-(1-methylpyrazol-4-yl)pyridine-2-carboxamide 'C15 H15 N7 O2'
#
# COMPACT_ATOMS: atom_id res chain seq x y z
N MET A 33 -29.99 -6.79 -7.15
CA MET A 33 -28.73 -6.69 -7.90
C MET A 33 -27.54 -7.23 -7.10
N GLY A 34 -26.50 -7.68 -7.83
CA GLY A 34 -25.26 -8.21 -7.27
C GLY A 34 -24.40 -7.09 -6.69
N GLU A 35 -24.68 -6.72 -5.43
CA GLU A 35 -23.96 -5.67 -4.69
C GLU A 35 -22.50 -6.07 -4.37
N GLY A 36 -21.71 -5.12 -3.83
CA GLY A 36 -20.31 -5.39 -3.45
C GLY A 36 -20.27 -6.03 -2.07
N GLY A 37 -20.57 -5.24 -1.03
CA GLY A 37 -20.62 -5.70 0.36
C GLY A 37 -20.81 -4.58 1.40
N PHE A 38 -21.71 -3.60 1.13
CA PHE A 38 -22.04 -2.44 1.99
C PHE A 38 -23.18 -1.65 1.32
N GLY A 39 -24.41 -1.75 1.84
CA GLY A 39 -25.59 -1.10 1.26
C GLY A 39 -26.10 -1.97 0.10
N VAL A 40 -27.13 -2.81 0.37
CA VAL A 40 -27.68 -3.75 -0.63
C VAL A 40 -28.59 -3.00 -1.63
N VAL A 41 -28.67 -3.51 -2.87
CA VAL A 41 -29.45 -2.91 -3.96
C VAL A 41 -30.55 -3.87 -4.47
N TYR A 42 -31.81 -3.68 -3.99
CA TYR A 42 -32.96 -4.51 -4.35
C TYR A 42 -33.81 -3.87 -5.44
N LYS A 43 -34.41 -4.70 -6.33
CA LYS A 43 -35.33 -4.22 -7.36
C LYS A 43 -36.71 -4.04 -6.70
N THR A 49 -43.81 2.68 -12.71
CA THR A 49 -42.77 3.13 -11.78
C THR A 49 -41.87 1.96 -11.33
N THR A 50 -40.66 1.85 -11.91
CA THR A 50 -39.65 0.82 -11.57
C THR A 50 -38.52 1.47 -10.74
N VAL A 51 -38.12 0.86 -9.58
CA VAL A 51 -37.09 1.46 -8.71
C VAL A 51 -36.03 0.49 -8.14
N ALA A 52 -34.90 1.08 -7.72
CA ALA A 52 -33.75 0.43 -7.11
C ALA A 52 -33.74 0.94 -5.67
N VAL A 53 -33.88 0.00 -4.71
CA VAL A 53 -33.93 0.32 -3.28
C VAL A 53 -32.62 -0.14 -2.64
N GLN A 73 -24.51 11.33 4.07
CA GLN A 73 -23.57 11.86 3.08
C GLN A 73 -24.10 11.64 1.66
N GLU A 74 -24.69 10.47 1.39
CA GLU A 74 -25.24 10.14 0.06
C GLU A 74 -26.40 11.07 -0.29
N ILE A 75 -27.23 11.42 0.72
CA ILE A 75 -28.35 12.36 0.57
C ILE A 75 -27.81 13.80 0.39
N LYS A 76 -26.74 14.19 1.14
CA LYS A 76 -26.11 15.52 1.02
C LYS A 76 -25.50 15.72 -0.39
N VAL A 77 -24.95 14.65 -0.99
CA VAL A 77 -24.39 14.66 -2.35
C VAL A 77 -25.53 14.73 -3.39
N MET A 78 -26.75 14.18 -3.07
CA MET A 78 -27.95 14.31 -3.94
C MET A 78 -28.42 15.78 -3.96
N ALA A 79 -28.40 16.47 -2.78
CA ALA A 79 -28.85 17.87 -2.63
C ALA A 79 -28.59 18.73 -3.87
N LYS A 80 -27.36 18.64 -4.43
CA LYS A 80 -26.96 19.39 -5.64
C LYS A 80 -27.89 19.04 -6.82
N CYS A 81 -28.01 17.73 -7.14
CA CYS A 81 -28.92 17.17 -8.15
C CYS A 81 -28.71 17.66 -9.60
N GLN A 82 -29.56 17.13 -10.51
CA GLN A 82 -29.66 17.47 -11.92
C GLN A 82 -28.37 17.28 -12.72
N HIS A 83 -28.10 16.02 -13.11
CA HIS A 83 -27.01 15.64 -14.02
C HIS A 83 -27.33 14.32 -14.70
N GLU A 84 -27.08 14.29 -16.00
CA GLU A 84 -27.39 13.16 -16.88
C GLU A 84 -26.52 11.91 -16.60
N ASN A 85 -25.27 12.10 -16.11
CA ASN A 85 -24.36 10.99 -15.87
C ASN A 85 -24.19 10.64 -14.40
N LEU A 86 -25.19 10.95 -13.59
CA LEU A 86 -25.20 10.55 -12.19
C LEU A 86 -26.55 9.92 -11.95
N VAL A 87 -26.58 8.83 -11.16
CA VAL A 87 -27.84 8.17 -10.83
C VAL A 87 -28.73 9.13 -10.03
N GLU A 88 -30.05 9.01 -10.15
CA GLU A 88 -31.03 9.90 -9.52
C GLU A 88 -31.70 9.29 -8.30
N LEU A 89 -31.66 10.00 -7.16
CA LEU A 89 -32.29 9.53 -5.92
C LEU A 89 -33.74 10.02 -5.90
N LEU A 90 -34.72 9.10 -5.88
CA LEU A 90 -36.13 9.49 -5.82
C LEU A 90 -36.49 9.83 -4.38
N GLY A 91 -36.04 8.99 -3.43
CA GLY A 91 -36.34 9.19 -2.01
C GLY A 91 -35.47 8.34 -1.09
N PHE A 92 -35.99 8.05 0.10
CA PHE A 92 -35.29 7.27 1.12
C PHE A 92 -36.24 6.86 2.26
N SER A 93 -35.80 5.94 3.13
CA SER A 93 -36.56 5.49 4.28
C SER A 93 -35.63 5.44 5.51
N SER A 94 -35.80 6.42 6.43
CA SER A 94 -34.99 6.54 7.66
C SER A 94 -35.71 6.00 8.91
N ASP A 95 -37.07 6.08 8.97
CA ASP A 95 -37.85 5.60 10.12
C ASP A 95 -37.72 4.07 10.30
N GLY A 96 -36.73 3.67 11.12
CA GLY A 96 -36.41 2.28 11.43
C GLY A 96 -34.90 2.10 11.70
N ASP A 97 -34.52 0.89 12.14
CA ASP A 97 -33.12 0.56 12.41
C ASP A 97 -32.38 0.50 11.07
N ASP A 98 -33.03 -0.08 10.04
CA ASP A 98 -32.50 -0.15 8.68
C ASP A 98 -32.68 1.22 7.99
N LEU A 99 -31.77 1.55 7.05
CA LEU A 99 -31.79 2.79 6.27
C LEU A 99 -31.82 2.45 4.79
N CYS A 100 -32.84 2.93 4.06
CA CYS A 100 -33.01 2.68 2.63
C CYS A 100 -32.82 3.93 1.79
N LEU A 101 -32.41 3.76 0.54
CA LEU A 101 -32.23 4.85 -0.42
C LEU A 101 -32.87 4.38 -1.71
N VAL A 102 -33.85 5.14 -2.22
CA VAL A 102 -34.61 4.76 -3.40
C VAL A 102 -34.14 5.57 -4.60
N TYR A 103 -33.76 4.89 -5.69
CA TYR A 103 -33.24 5.49 -6.90
C TYR A 103 -34.06 5.09 -8.13
N VAL A 104 -33.97 5.90 -9.20
CA VAL A 104 -34.56 5.59 -10.51
C VAL A 104 -33.78 4.37 -10.99
N TYR A 105 -34.50 3.28 -11.28
CA TYR A 105 -33.93 2.00 -11.73
C TYR A 105 -33.11 2.13 -13.01
N MET A 106 -32.02 1.32 -13.11
CA MET A 106 -31.13 1.27 -14.27
C MET A 106 -31.30 -0.12 -14.91
N PRO A 107 -32.14 -0.19 -15.97
CA PRO A 107 -32.48 -1.48 -16.54
C PRO A 107 -31.31 -2.32 -17.12
N ASN A 108 -30.14 -1.70 -17.44
CA ASN A 108 -28.99 -2.39 -18.02
C ASN A 108 -27.86 -2.53 -17.04
N GLY A 109 -28.19 -2.49 -15.73
CA GLY A 109 -27.27 -2.72 -14.61
C GLY A 109 -25.96 -1.96 -14.64
N SER A 110 -24.90 -2.60 -14.16
CA SER A 110 -23.58 -1.99 -14.08
C SER A 110 -22.78 -2.19 -15.35
N LEU A 111 -21.67 -1.49 -15.41
CA LEU A 111 -20.75 -1.63 -16.53
C LEU A 111 -19.95 -2.92 -16.33
N LEU A 112 -19.73 -3.31 -15.07
CA LEU A 112 -19.01 -4.55 -14.78
C LEU A 112 -19.84 -5.73 -15.37
N ASP A 113 -21.12 -5.83 -14.97
CA ASP A 113 -22.08 -6.85 -15.43
C ASP A 113 -22.23 -6.84 -16.94
N ARG A 114 -22.22 -5.65 -17.59
CA ARG A 114 -22.32 -5.64 -19.05
C ARG A 114 -20.99 -6.04 -19.72
N LEU A 115 -19.84 -5.70 -19.11
CA LEU A 115 -18.53 -6.11 -19.64
C LEU A 115 -18.28 -7.61 -19.50
N SER A 116 -18.96 -8.27 -18.52
CA SER A 116 -18.81 -9.68 -18.30
C SER A 116 -19.90 -10.48 -19.00
N CYS A 117 -20.89 -9.77 -19.61
CA CYS A 117 -22.07 -10.31 -20.29
C CYS A 117 -22.85 -11.14 -19.33
N LEU A 118 -22.93 -10.68 -18.09
CA LEU A 118 -23.66 -11.37 -17.05
C LEU A 118 -25.08 -11.65 -17.51
N ASP A 119 -25.56 -12.90 -17.31
CA ASP A 119 -26.92 -13.37 -17.70
C ASP A 119 -27.16 -13.43 -19.19
N GLY A 120 -26.09 -13.54 -19.98
CA GLY A 120 -26.22 -13.70 -21.41
C GLY A 120 -26.56 -12.46 -22.20
N THR A 121 -26.24 -11.29 -21.68
CA THR A 121 -26.52 -10.08 -22.46
C THR A 121 -25.46 -10.00 -23.55
N PRO A 122 -25.75 -9.35 -24.67
CA PRO A 122 -24.73 -9.28 -25.73
C PRO A 122 -23.55 -8.36 -25.32
N PRO A 123 -22.33 -8.68 -25.79
CA PRO A 123 -21.16 -7.83 -25.47
C PRO A 123 -21.37 -6.38 -25.95
N LEU A 124 -20.90 -5.36 -25.18
CA LEU A 124 -21.05 -3.94 -25.59
C LEU A 124 -20.13 -3.63 -26.79
N SER A 125 -20.65 -2.89 -27.81
CA SER A 125 -19.85 -2.55 -28.98
C SER A 125 -18.80 -1.51 -28.57
N TRP A 126 -17.78 -1.32 -29.41
CA TRP A 126 -16.79 -0.28 -29.17
C TRP A 126 -17.47 1.08 -29.20
N HIS A 127 -18.42 1.24 -30.13
CA HIS A 127 -19.21 2.45 -30.27
C HIS A 127 -19.93 2.74 -28.96
N MET A 128 -20.61 1.77 -28.34
CA MET A 128 -21.26 2.04 -27.05
C MET A 128 -20.22 2.24 -25.93
N ARG A 129 -19.09 1.53 -26.00
CA ARG A 129 -18.04 1.66 -24.98
C ARG A 129 -17.37 3.03 -24.98
N CYS A 130 -17.27 3.69 -26.16
CA CYS A 130 -16.73 5.05 -26.22
C CYS A 130 -17.79 5.99 -25.60
N LYS A 131 -19.08 5.84 -25.98
CA LYS A 131 -20.17 6.63 -25.39
C LYS A 131 -20.18 6.47 -23.85
N ILE A 132 -20.04 5.23 -23.35
CA ILE A 132 -20.06 5.00 -21.90
C ILE A 132 -18.91 5.75 -21.23
N ALA A 133 -17.66 5.60 -21.77
CA ALA A 133 -16.48 6.28 -21.22
C ALA A 133 -16.69 7.80 -21.18
N GLN A 134 -17.02 8.40 -22.33
CA GLN A 134 -17.30 9.81 -22.46
C GLN A 134 -18.31 10.24 -21.37
N GLY A 135 -19.42 9.50 -21.25
CA GLY A 135 -20.45 9.75 -20.27
C GLY A 135 -20.00 9.61 -18.83
N ALA A 136 -19.26 8.56 -18.48
CA ALA A 136 -18.80 8.40 -17.09
C ALA A 136 -17.87 9.57 -16.65
N ALA A 137 -17.00 10.05 -17.56
CA ALA A 137 -16.12 11.16 -17.30
C ALA A 137 -16.91 12.46 -17.11
N ASN A 138 -18.03 12.63 -17.81
CA ASN A 138 -18.88 13.81 -17.62
C ASN A 138 -19.47 13.73 -16.21
N GLY A 139 -19.83 12.52 -15.76
CA GLY A 139 -20.36 12.33 -14.42
C GLY A 139 -19.32 12.70 -13.35
N ILE A 140 -18.08 12.17 -13.49
CA ILE A 140 -16.97 12.45 -12.58
C ILE A 140 -16.65 13.97 -12.64
N ASN A 141 -16.71 14.56 -13.85
CA ASN A 141 -16.41 15.98 -13.99
C ASN A 141 -17.38 16.81 -13.20
N PHE A 142 -18.67 16.51 -13.28
CA PHE A 142 -19.64 17.24 -12.50
C PHE A 142 -19.29 17.10 -11.01
N LEU A 143 -18.95 15.90 -10.53
CA LEU A 143 -18.59 15.75 -9.12
C LEU A 143 -17.40 16.65 -8.72
N HIS A 144 -16.38 16.73 -9.59
CA HIS A 144 -15.17 17.49 -9.31
C HIS A 144 -15.42 19.00 -9.44
N GLU A 145 -16.21 19.43 -10.46
CA GLU A 145 -16.60 20.84 -10.61
C GLU A 145 -17.31 21.28 -9.33
N ASN A 146 -18.07 20.35 -8.68
CA ASN A 146 -18.76 20.61 -7.42
C ASN A 146 -17.92 20.20 -6.19
N HIS A 147 -16.57 20.19 -6.32
CA HIS A 147 -15.63 19.88 -5.25
C HIS A 147 -16.01 18.67 -4.43
N HIS A 148 -16.32 17.55 -5.11
CA HIS A 148 -16.65 16.26 -4.46
C HIS A 148 -15.69 15.22 -4.99
N ILE A 149 -15.37 14.25 -4.13
CA ILE A 149 -14.47 13.16 -4.44
C ILE A 149 -15.33 11.92 -4.30
N HIS A 150 -15.40 11.07 -5.33
CA HIS A 150 -16.21 9.86 -5.28
C HIS A 150 -15.64 8.84 -4.32
N ARG A 151 -14.31 8.57 -4.40
CA ARG A 151 -13.58 7.62 -3.55
C ARG A 151 -13.86 6.12 -3.85
N ASP A 152 -14.70 5.80 -4.86
CA ASP A 152 -14.97 4.40 -5.22
C ASP A 152 -15.43 4.27 -6.69
N ILE A 153 -14.70 4.94 -7.59
CA ILE A 153 -14.92 4.92 -9.03
C ILE A 153 -14.51 3.55 -9.50
N LYS A 154 -15.43 2.83 -10.16
CA LYS A 154 -15.21 1.48 -10.68
C LYS A 154 -16.42 1.07 -11.52
N SER A 155 -16.21 0.06 -12.36
CA SER A 155 -17.22 -0.52 -13.25
C SER A 155 -18.50 -0.97 -12.53
N ALA A 156 -18.40 -1.50 -11.32
CA ALA A 156 -19.60 -1.89 -10.60
C ALA A 156 -20.44 -0.66 -10.18
N ASN A 157 -19.82 0.56 -10.06
CA ASN A 157 -20.48 1.81 -9.70
C ASN A 157 -20.73 2.73 -10.91
N ILE A 158 -20.71 2.19 -12.14
CA ILE A 158 -21.11 2.94 -13.33
C ILE A 158 -22.32 2.16 -13.85
N LEU A 159 -23.52 2.72 -13.72
CA LEU A 159 -24.74 2.05 -14.15
C LEU A 159 -25.20 2.55 -15.51
N LEU A 160 -26.05 1.72 -16.14
CA LEU A 160 -26.54 1.95 -17.49
C LEU A 160 -28.10 2.01 -17.57
N ASP A 161 -28.62 3.08 -18.22
CA ASP A 161 -30.06 3.35 -18.37
C ASP A 161 -30.65 2.75 -19.66
N GLU A 162 -31.98 2.84 -19.83
CA GLU A 162 -32.70 2.41 -21.03
C GLU A 162 -31.91 2.61 -22.38
N ALA A 163 -31.09 3.69 -22.49
CA ALA A 163 -30.31 4.02 -23.69
C ALA A 163 -28.78 3.78 -23.58
N PHE A 164 -28.33 3.04 -22.55
CA PHE A 164 -26.93 2.75 -22.22
C PHE A 164 -26.10 4.02 -21.90
N THR A 165 -26.70 4.97 -21.20
CA THR A 165 -26.02 6.19 -20.75
C THR A 165 -25.28 5.79 -19.46
N ALA A 166 -24.03 6.23 -19.32
CA ALA A 166 -23.29 5.92 -18.10
C ALA A 166 -23.76 6.83 -16.93
N LYS A 167 -24.11 6.23 -15.78
CA LYS A 167 -24.54 6.98 -14.61
C LYS A 167 -23.71 6.55 -13.40
N ILE A 168 -22.94 7.50 -12.77
CA ILE A 168 -22.12 7.17 -11.60
C ILE A 168 -23.06 6.98 -10.40
N SER A 169 -22.73 6.03 -9.51
CA SER A 169 -23.54 5.68 -8.34
C SER A 169 -22.69 5.47 -7.11
N ASP A 170 -23.36 5.25 -5.97
CA ASP A 170 -22.75 4.96 -4.68
C ASP A 170 -21.81 6.07 -4.22
N PHE A 171 -22.40 7.12 -3.66
CA PHE A 171 -21.67 8.28 -3.13
C PHE A 171 -21.72 8.26 -1.58
N GLY A 172 -21.70 7.04 -0.97
CA GLY A 172 -21.69 6.90 0.49
C GLY A 172 -20.31 7.31 1.02
N LEU A 173 -19.23 6.85 0.34
CA LEU A 173 -17.85 7.18 0.71
C LEU A 173 -17.45 8.61 0.29
N ALA A 174 -18.22 9.26 -0.60
CA ALA A 174 -17.93 10.60 -1.12
C ALA A 174 -17.55 11.66 -0.06
N ARG A 175 -16.56 12.52 -0.40
CA ARG A 175 -16.08 13.60 0.48
C ARG A 175 -15.96 14.89 -0.32
N ALA A 176 -16.37 16.02 0.30
CA ALA A 176 -16.24 17.34 -0.31
C ALA A 176 -14.79 17.80 -0.15
N SER A 177 -14.26 18.56 -1.15
CA SER A 177 -12.88 19.04 -1.17
C SER A 177 -12.72 20.53 -0.74
N GLU A 178 -13.78 21.38 -0.94
CA GLU A 178 -13.74 22.79 -0.59
N TPO A 183 -5.51 18.67 0.07
CA TPO A 183 -5.46 17.21 0.26
CB TPO A 183 -4.22 16.59 -0.45
CG2 TPO A 183 -4.17 15.05 -0.29
OG1 TPO A 183 -4.31 16.85 -1.87
P TPO A 183 -3.02 17.40 -2.60
O1P TPO A 183 -3.08 16.88 -4.04
O2P TPO A 183 -1.65 16.95 -2.04
O3P TPO A 183 -3.11 18.94 -2.60
C TPO A 183 -5.57 16.84 1.75
O TPO A 183 -4.88 17.43 2.58
N VAL A 184 -6.40 15.83 2.05
CA VAL A 184 -6.67 15.34 3.41
C VAL A 184 -6.09 13.91 3.57
N MET A 185 -5.90 13.48 4.81
CA MET A 185 -5.42 12.14 5.18
C MET A 185 -6.51 11.51 6.04
N TPO A 186 -6.63 10.17 6.04
CA TPO A 186 -7.64 9.45 6.84
CB TPO A 186 -9.07 9.21 6.21
CG2 TPO A 186 -9.03 8.26 4.98
OG1 TPO A 186 -9.97 8.63 7.23
P TPO A 186 -11.25 9.39 7.75
O1P TPO A 186 -12.45 8.58 7.25
O2P TPO A 186 -11.45 10.85 7.28
O3P TPO A 186 -11.24 9.35 9.29
C TPO A 186 -7.08 8.13 7.41
O TPO A 186 -6.29 7.45 6.76
N SEP A 187 -7.53 7.78 8.63
CA SEP A 187 -7.18 6.53 9.31
CB SEP A 187 -7.18 6.76 10.83
OG SEP A 187 -8.41 7.40 11.24
C SEP A 187 -8.13 5.39 8.88
O SEP A 187 -7.83 4.21 9.15
P SEP A 187 -8.41 7.77 12.73
O1P SEP A 187 -9.86 8.07 13.13
O2P SEP A 187 -7.54 9.04 12.95
O3P SEP A 187 -7.92 6.61 13.63
N ARG A 188 -9.27 5.71 8.22
CA ARG A 188 -10.25 4.74 7.74
C ARG A 188 -10.15 4.73 6.21
N ILE A 189 -9.26 3.85 5.69
CA ILE A 189 -9.01 3.72 4.25
C ILE A 189 -10.14 2.91 3.64
N VAL A 190 -10.77 3.46 2.59
CA VAL A 190 -11.88 2.85 1.88
C VAL A 190 -11.73 2.98 0.35
N GLY A 191 -12.35 2.05 -0.38
CA GLY A 191 -12.30 1.94 -1.85
C GLY A 191 -12.11 0.45 -2.22
N THR A 192 -11.95 0.14 -3.52
CA THR A 192 -11.74 -1.23 -3.99
C THR A 192 -10.27 -1.36 -4.40
N THR A 193 -9.48 -2.11 -3.61
CA THR A 193 -8.04 -2.27 -3.78
C THR A 193 -7.59 -2.22 -5.22
N ALA A 194 -8.20 -3.09 -6.07
CA ALA A 194 -7.86 -3.25 -7.49
C ALA A 194 -7.99 -1.99 -8.35
N TYR A 195 -8.72 -0.99 -7.86
CA TYR A 195 -8.94 0.27 -8.52
C TYR A 195 -8.23 1.42 -7.87
N MET A 196 -7.82 1.28 -6.60
CA MET A 196 -7.25 2.39 -5.85
C MET A 196 -5.87 2.81 -6.28
N ALA A 197 -5.64 4.13 -6.21
CA ALA A 197 -4.36 4.73 -6.48
C ALA A 197 -3.42 4.42 -5.31
N PRO A 198 -2.09 4.53 -5.52
CA PRO A 198 -1.17 4.27 -4.42
C PRO A 198 -1.48 5.16 -3.20
N GLU A 199 -1.57 6.49 -3.40
CA GLU A 199 -1.86 7.42 -2.30
C GLU A 199 -3.17 7.15 -1.58
N ALA A 200 -4.22 6.72 -2.29
CA ALA A 200 -5.52 6.42 -1.65
C ALA A 200 -5.36 5.25 -0.69
N LEU A 201 -4.60 4.22 -1.10
CA LEU A 201 -4.32 3.07 -0.24
C LEU A 201 -3.50 3.47 0.99
N ARG A 202 -2.79 4.61 0.90
CA ARG A 202 -1.97 5.12 2.01
C ARG A 202 -2.71 6.13 2.89
N GLY A 203 -4.03 6.39 2.64
CA GLY A 203 -4.81 7.31 3.45
C GLY A 203 -5.12 8.63 2.78
N GLU A 204 -4.39 9.05 1.74
CA GLU A 204 -4.70 10.34 1.11
C GLU A 204 -6.10 10.39 0.57
N ILE A 205 -6.63 11.60 0.45
CA ILE A 205 -7.96 11.85 -0.09
C ILE A 205 -7.77 12.97 -1.09
N THR A 206 -7.89 12.68 -2.37
CA THR A 206 -7.72 13.68 -3.42
C THR A 206 -8.52 13.29 -4.67
N PRO A 207 -9.05 14.28 -5.43
CA PRO A 207 -9.76 13.96 -6.67
C PRO A 207 -8.87 13.12 -7.57
N LYS A 208 -7.57 13.40 -7.55
CA LYS A 208 -6.54 12.67 -8.29
C LYS A 208 -6.71 11.12 -8.18
N SER A 209 -7.15 10.60 -7.01
CA SER A 209 -7.36 9.16 -6.83
C SER A 209 -8.51 8.66 -7.76
N ASP A 210 -9.60 9.45 -7.91
CA ASP A 210 -10.73 9.13 -8.80
C ASP A 210 -10.24 8.99 -10.26
N ILE A 211 -9.26 9.82 -10.67
CA ILE A 211 -8.72 9.78 -12.03
C ILE A 211 -7.97 8.46 -12.24
N TYR A 212 -7.18 8.01 -11.25
CA TYR A 212 -6.44 6.75 -11.37
C TYR A 212 -7.45 5.59 -11.51
N SER A 213 -8.45 5.52 -10.59
CA SER A 213 -9.52 4.54 -10.64
C SER A 213 -10.25 4.58 -12.00
N PHE A 214 -10.55 5.77 -12.50
CA PHE A 214 -11.18 5.89 -13.82
C PHE A 214 -10.24 5.31 -14.89
N GLY A 215 -8.90 5.36 -14.70
CA GLY A 215 -7.93 4.75 -15.62
C GLY A 215 -8.09 3.22 -15.68
N VAL A 216 -8.29 2.58 -14.52
CA VAL A 216 -8.51 1.14 -14.46
C VAL A 216 -9.81 0.83 -15.22
N VAL A 217 -10.87 1.66 -15.03
CA VAL A 217 -12.15 1.48 -15.73
C VAL A 217 -11.94 1.45 -17.25
N LEU A 218 -11.16 2.40 -17.79
CA LEU A 218 -10.89 2.44 -19.22
C LEU A 218 -10.21 1.15 -19.69
N LEU A 219 -9.31 0.60 -18.87
CA LEU A 219 -8.69 -0.68 -19.21
C LEU A 219 -9.75 -1.78 -19.20
N GLU A 220 -10.72 -1.74 -18.26
CA GLU A 220 -11.78 -2.77 -18.27
C GLU A 220 -12.64 -2.61 -19.53
N ILE A 221 -12.99 -1.36 -19.88
CA ILE A 221 -13.75 -1.09 -21.10
C ILE A 221 -13.00 -1.65 -22.36
N ILE A 222 -11.69 -1.31 -22.53
CA ILE A 222 -10.89 -1.77 -23.67
C ILE A 222 -10.74 -3.30 -23.71
N THR A 223 -10.29 -3.86 -22.59
CA THR A 223 -9.95 -5.28 -22.52
C THR A 223 -11.08 -6.22 -22.19
N GLY A 224 -12.18 -5.71 -21.60
CA GLY A 224 -13.30 -6.54 -21.17
C GLY A 224 -12.96 -7.42 -19.95
N LEU A 225 -11.72 -7.31 -19.38
CA LEU A 225 -11.23 -8.10 -18.25
C LEU A 225 -11.57 -7.40 -16.94
N PRO A 226 -11.87 -8.14 -15.85
CA PRO A 226 -12.17 -7.49 -14.56
C PRO A 226 -10.89 -6.95 -13.89
N ALA A 227 -10.96 -5.80 -13.15
CA ALA A 227 -9.78 -5.20 -12.50
C ALA A 227 -8.89 -6.21 -11.75
N VAL A 228 -9.51 -7.21 -11.12
CA VAL A 228 -8.77 -8.26 -10.45
C VAL A 228 -9.40 -9.62 -10.72
N ASP A 229 -8.57 -10.63 -10.88
CA ASP A 229 -8.99 -12.01 -11.08
C ASP A 229 -7.79 -12.86 -10.69
N GLU A 230 -7.96 -13.66 -9.63
CA GLU A 230 -6.86 -14.48 -9.15
C GLU A 230 -6.40 -15.53 -10.14
N HIS A 231 -7.34 -16.08 -10.94
CA HIS A 231 -7.07 -17.08 -11.96
C HIS A 231 -6.65 -16.35 -13.25
N ARG A 232 -5.57 -15.52 -13.15
CA ARG A 232 -5.05 -14.71 -14.26
C ARG A 232 -3.62 -14.21 -13.99
N GLU A 233 -2.89 -13.85 -15.04
CA GLU A 233 -1.54 -13.34 -14.94
C GLU A 233 -1.41 -12.17 -15.93
N PRO A 234 -1.25 -10.90 -15.44
CA PRO A 234 -1.20 -10.46 -14.04
C PRO A 234 -2.59 -10.54 -13.45
N GLN A 235 -2.71 -10.87 -12.15
CA GLN A 235 -4.02 -10.93 -11.50
C GLN A 235 -4.66 -9.54 -11.39
N LEU A 236 -3.85 -8.44 -11.31
CA LEU A 236 -4.35 -7.06 -11.26
C LEU A 236 -4.22 -6.45 -12.65
N LEU A 237 -5.36 -6.02 -13.23
CA LEU A 237 -5.41 -5.46 -14.58
C LEU A 237 -4.44 -4.30 -14.80
N LEU A 238 -4.34 -3.34 -13.84
CA LEU A 238 -3.45 -2.17 -13.97
C LEU A 238 -1.98 -2.53 -14.28
N ASP A 239 -1.53 -3.77 -13.94
CA ASP A 239 -0.18 -4.21 -14.26
C ASP A 239 0.04 -4.27 -15.79
N ILE A 240 -1.01 -4.59 -16.60
CA ILE A 240 -0.87 -4.65 -18.08
C ILE A 240 -0.27 -3.36 -18.68
N LYS A 241 -0.44 -2.17 -18.03
CA LYS A 241 0.18 -0.93 -18.50
C LYS A 241 1.70 -1.09 -18.60
N GLU A 242 2.30 -1.76 -17.60
CA GLU A 242 3.75 -1.97 -17.56
C GLU A 242 4.16 -2.97 -18.63
N GLU A 243 3.44 -4.12 -18.77
CA GLU A 243 3.73 -5.10 -19.83
C GLU A 243 3.79 -4.42 -21.20
N ILE A 244 2.85 -3.52 -21.48
CA ILE A 244 2.80 -2.79 -22.75
C ILE A 244 3.94 -1.75 -22.83
N GLU A 245 4.07 -0.88 -21.80
CA GLU A 245 5.13 0.16 -21.74
C GLU A 245 6.53 -0.47 -21.86
N ASP A 246 6.74 -1.65 -21.26
CA ASP A 246 7.98 -2.43 -21.37
C ASP A 246 7.89 -3.41 -22.58
N GLU A 247 7.23 -2.96 -23.71
CA GLU A 247 7.04 -3.56 -25.03
C GLU A 247 6.96 -5.13 -25.16
N GLU A 248 6.62 -5.87 -24.09
CA GLU A 248 6.49 -7.33 -24.17
C GLU A 248 5.23 -7.66 -24.99
N LYS A 249 4.10 -7.07 -24.56
CA LYS A 249 2.81 -7.19 -25.19
C LYS A 249 2.51 -5.82 -25.81
N THR A 250 1.37 -5.71 -26.48
CA THR A 250 0.88 -4.45 -27.04
C THR A 250 -0.59 -4.35 -26.68
N ILE A 251 -1.16 -3.12 -26.77
CA ILE A 251 -2.56 -2.96 -26.40
C ILE A 251 -3.48 -3.79 -27.30
N GLU A 252 -3.11 -3.95 -28.60
CA GLU A 252 -3.83 -4.82 -29.53
C GLU A 252 -3.98 -6.24 -28.97
N ASP A 253 -2.98 -6.75 -28.26
CA ASP A 253 -3.04 -8.09 -27.68
C ASP A 253 -4.07 -8.18 -26.54
N TYR A 254 -4.43 -7.04 -25.92
CA TYR A 254 -5.35 -7.01 -24.78
C TYR A 254 -6.81 -6.58 -25.14
N ILE A 255 -7.07 -6.05 -26.39
CA ILE A 255 -8.42 -5.59 -26.81
C ILE A 255 -9.45 -6.67 -26.57
N ASP A 256 -10.63 -6.32 -26.05
CA ASP A 256 -11.65 -7.32 -25.85
C ASP A 256 -11.95 -8.03 -27.19
N LYS A 257 -11.83 -9.40 -27.24
CA LYS A 257 -12.17 -10.16 -28.46
C LYS A 257 -13.69 -10.14 -28.77
N LYS A 258 -14.54 -9.72 -27.82
CA LYS A 258 -15.98 -9.73 -28.02
C LYS A 258 -16.52 -8.45 -28.66
N MET A 259 -15.85 -7.97 -29.74
CA MET A 259 -16.25 -6.75 -30.44
C MET A 259 -15.91 -6.88 -31.91
N ASN A 260 -16.78 -6.40 -32.80
CA ASN A 260 -16.54 -6.43 -34.26
C ASN A 260 -16.15 -5.04 -34.83
N ASP A 261 -16.37 -3.94 -34.05
CA ASP A 261 -16.18 -2.54 -34.49
C ASP A 261 -15.10 -1.71 -33.80
N ALA A 262 -14.25 -2.29 -32.97
CA ALA A 262 -13.20 -1.53 -32.29
C ALA A 262 -11.98 -1.34 -33.18
N ASP A 263 -11.78 -0.15 -33.74
CA ASP A 263 -10.61 0.10 -34.58
C ASP A 263 -9.39 0.46 -33.72
N SER A 264 -8.20 -0.02 -34.13
CA SER A 264 -6.94 0.22 -33.44
C SER A 264 -6.64 1.67 -33.07
N THR A 265 -6.92 2.60 -33.96
CA THR A 265 -6.62 4.00 -33.69
C THR A 265 -7.37 4.54 -32.46
N SER A 266 -8.71 4.30 -32.36
CA SER A 266 -9.51 4.83 -31.23
C SER A 266 -9.24 4.05 -29.95
N VAL A 267 -9.06 2.73 -30.06
CA VAL A 267 -8.66 1.90 -28.92
C VAL A 267 -7.36 2.53 -28.32
N GLU A 268 -6.29 2.66 -29.15
CA GLU A 268 -5.03 3.26 -28.72
C GLU A 268 -5.26 4.65 -28.06
N ALA A 269 -6.13 5.47 -28.66
CA ALA A 269 -6.42 6.78 -28.10
C ALA A 269 -7.07 6.65 -26.72
N MET A 270 -7.97 5.64 -26.51
CA MET A 270 -8.57 5.45 -25.18
C MET A 270 -7.51 4.97 -24.21
N TYR A 271 -6.68 4.03 -24.65
CA TYR A 271 -5.57 3.54 -23.83
C TYR A 271 -4.62 4.67 -23.45
N SER A 272 -4.35 5.62 -24.37
CA SER A 272 -3.46 6.76 -24.05
C SER A 272 -4.01 7.53 -22.85
N VAL A 273 -5.34 7.74 -22.83
CA VAL A 273 -5.97 8.37 -21.69
C VAL A 273 -5.77 7.46 -20.47
N ALA A 274 -6.05 6.14 -20.61
CA ALA A 274 -5.91 5.20 -19.50
C ALA A 274 -4.51 5.23 -18.91
N SER A 275 -3.48 5.36 -19.77
CA SER A 275 -2.10 5.37 -19.32
C SER A 275 -1.80 6.66 -18.59
N GLN A 276 -2.33 7.80 -19.06
CA GLN A 276 -2.15 9.08 -18.36
C GLN A 276 -2.83 9.03 -17.00
N CYS A 277 -4.04 8.49 -16.95
CA CYS A 277 -4.81 8.33 -15.73
C CYS A 277 -4.09 7.48 -14.71
N LEU A 278 -3.49 6.38 -15.18
CA LEU A 278 -2.76 5.44 -14.34
C LEU A 278 -1.35 5.89 -13.95
N HIS A 279 -1.04 7.21 -14.04
CA HIS A 279 0.26 7.72 -13.63
C HIS A 279 0.40 7.55 -12.12
N GLU A 280 1.57 7.10 -11.65
CA GLU A 280 1.79 6.79 -10.24
C GLU A 280 2.02 8.06 -9.41
N LYS A 281 2.81 9.01 -9.94
CA LYS A 281 3.01 10.29 -9.26
C LYS A 281 1.68 11.03 -9.45
N LYS A 282 0.87 11.17 -8.37
CA LYS A 282 -0.46 11.79 -8.43
C LYS A 282 -0.55 13.14 -9.15
N ASN A 283 0.50 13.97 -9.07
CA ASN A 283 0.47 15.31 -9.70
C ASN A 283 0.78 15.28 -11.21
N LYS A 284 1.19 14.12 -11.76
CA LYS A 284 1.44 13.94 -13.19
C LYS A 284 0.17 13.44 -13.93
N ARG A 285 -0.91 13.10 -13.21
CA ARG A 285 -2.17 12.64 -13.82
C ARG A 285 -2.94 13.83 -14.37
N PRO A 286 -3.77 13.59 -15.42
CA PRO A 286 -4.57 14.67 -16.00
C PRO A 286 -5.76 14.97 -15.12
N ASP A 287 -6.33 16.17 -15.24
CA ASP A 287 -7.55 16.46 -14.47
C ASP A 287 -8.70 15.89 -15.28
N ILE A 288 -9.87 15.78 -14.66
CA ILE A 288 -11.04 15.22 -15.33
C ILE A 288 -11.46 16.04 -16.55
N LYS A 289 -11.32 17.36 -16.51
CA LYS A 289 -11.66 18.21 -17.66
C LYS A 289 -10.74 17.89 -18.85
N LYS A 290 -9.47 17.49 -18.57
CA LYS A 290 -8.53 17.09 -19.62
C LYS A 290 -8.92 15.68 -20.12
N VAL A 291 -9.32 14.78 -19.21
CA VAL A 291 -9.77 13.43 -19.57
C VAL A 291 -11.00 13.54 -20.50
N GLN A 292 -11.96 14.44 -20.18
CA GLN A 292 -13.13 14.65 -21.03
C GLN A 292 -12.72 15.08 -22.41
N GLN A 293 -11.77 16.03 -22.51
CA GLN A 293 -11.30 16.56 -23.80
C GLN A 293 -10.68 15.46 -24.63
N LEU A 294 -9.81 14.65 -24.03
CA LEU A 294 -9.16 13.57 -24.77
C LEU A 294 -10.15 12.48 -25.24
N LEU A 295 -11.23 12.24 -24.44
CA LEU A 295 -12.25 11.26 -24.78
C LEU A 295 -13.19 11.80 -25.86
N GLN A 296 -13.54 13.10 -25.84
CA GLN A 296 -14.37 13.70 -26.90
C GLN A 296 -13.57 13.77 -28.25
N GLU A 297 -12.26 14.11 -28.16
CA GLU A 297 -11.33 14.13 -29.29
C GLU A 297 -11.20 12.74 -29.90
N MET A 298 -11.37 11.68 -29.08
CA MET A 298 -11.30 10.27 -29.51
C MET A 298 -12.26 9.95 -30.67
N THR A 299 -13.44 10.59 -30.68
CA THR A 299 -14.47 10.39 -31.70
C THR A 299 -14.60 11.64 -32.62
N ALA A 300 -13.44 12.16 -33.12
CA ALA A 300 -13.39 13.32 -34.00
N THR B 4 18.33 -25.35 12.78
CA THR B 4 18.80 -25.12 14.15
C THR B 4 17.75 -25.63 15.19
N ARG B 5 18.19 -25.85 16.44
CA ARG B 5 17.33 -26.23 17.58
C ARG B 5 17.63 -25.23 18.71
N PHE B 6 16.55 -24.74 19.34
CA PHE B 6 16.60 -23.70 20.36
C PHE B 6 16.09 -24.19 21.70
N HIS B 7 16.35 -23.42 22.76
CA HIS B 7 15.97 -23.77 24.14
C HIS B 7 14.45 -23.68 24.34
N SER B 8 13.75 -24.83 24.38
CA SER B 8 12.30 -24.83 24.59
C SER B 8 12.00 -24.56 26.06
N PHE B 9 11.52 -23.34 26.36
CA PHE B 9 11.18 -22.90 27.73
C PHE B 9 9.72 -23.28 28.13
N SER B 10 9.33 -22.96 29.38
CA SER B 10 7.98 -23.17 29.94
C SER B 10 7.54 -21.81 30.46
N PHE B 11 6.42 -21.33 29.91
CA PHE B 11 5.84 -20.02 30.13
C PHE B 11 6.28 -19.28 31.44
N TYR B 12 6.17 -19.92 32.63
CA TYR B 12 6.53 -19.29 33.93
C TYR B 12 7.99 -18.87 34.01
N GLU B 13 8.89 -19.69 33.43
CA GLU B 13 10.34 -19.44 33.45
C GLU B 13 10.57 -17.96 33.11
N LEU B 14 9.87 -17.48 32.05
CA LEU B 14 10.02 -16.11 31.57
C LEU B 14 9.06 -15.11 32.24
N LYS B 15 7.96 -15.57 32.88
CA LYS B 15 7.07 -14.67 33.64
C LYS B 15 7.87 -14.00 34.76
N ASN B 16 8.70 -14.76 35.48
CA ASN B 16 9.46 -14.20 36.59
C ASN B 16 10.67 -13.38 36.18
N VAL B 17 11.34 -13.73 35.06
CA VAL B 17 12.51 -12.97 34.62
C VAL B 17 12.10 -11.62 34.00
N THR B 18 10.81 -11.47 33.56
CA THR B 18 10.29 -10.24 32.98
C THR B 18 9.43 -9.50 34.01
N ASN B 19 9.56 -9.83 35.34
CA ASN B 19 8.81 -9.18 36.42
C ASN B 19 7.29 -9.33 36.16
N ASN B 20 6.83 -10.60 36.06
CA ASN B 20 5.45 -10.97 35.76
C ASN B 20 4.95 -10.31 34.45
N PHE B 21 5.86 -10.23 33.44
CA PHE B 21 5.59 -9.58 32.14
C PHE B 21 5.04 -8.18 32.38
N ASP B 22 5.74 -7.39 33.22
CA ASP B 22 5.31 -6.03 33.57
C ASP B 22 5.07 -5.19 32.27
N GLU B 23 3.78 -5.01 31.92
CA GLU B 23 3.29 -4.24 30.76
C GLU B 23 3.82 -2.79 30.68
N ARG B 24 4.26 -2.17 31.80
CA ARG B 24 4.71 -0.77 31.79
C ARG B 24 6.04 -0.61 31.07
N PRO B 25 6.36 0.61 30.59
CA PRO B 25 7.65 0.86 29.99
C PRO B 25 8.78 0.87 31.01
N ILE B 26 10.04 0.72 30.52
CA ILE B 26 11.24 0.80 31.37
C ILE B 26 11.27 2.23 31.88
N SER B 27 10.84 3.20 31.04
CA SER B 27 10.78 4.63 31.34
C SER B 27 10.22 4.87 32.75
N VAL B 28 9.02 4.30 33.03
CA VAL B 28 8.41 4.38 34.37
C VAL B 28 9.27 3.50 35.31
N GLY B 29 9.37 2.21 34.95
CA GLY B 29 10.17 1.22 35.67
C GLY B 29 9.57 -0.17 35.54
N GLY B 30 9.19 -0.57 34.32
CA GLY B 30 8.57 -1.85 34.02
C GLY B 30 9.52 -2.70 33.22
N ASN B 31 8.99 -3.59 32.37
CA ASN B 31 9.79 -4.50 31.54
C ASN B 31 9.48 -4.47 30.03
N LYS B 32 8.51 -3.65 29.56
CA LYS B 32 8.17 -3.53 28.14
C LYS B 32 9.17 -2.61 27.49
N MET B 33 9.96 -3.14 26.55
CA MET B 33 10.90 -2.31 25.78
C MET B 33 10.18 -1.70 24.60
N GLY B 34 9.24 -2.45 23.98
CA GLY B 34 8.42 -1.99 22.85
C GLY B 34 7.25 -2.93 22.58
N GLU B 35 6.46 -2.66 21.52
CA GLU B 35 5.30 -3.48 21.10
C GLU B 35 4.98 -3.19 19.64
N GLY B 36 4.09 -3.97 19.00
CA GLY B 36 3.76 -3.70 17.60
C GLY B 36 2.53 -4.38 17.01
N GLY B 37 1.48 -4.61 17.81
CA GLY B 37 0.26 -5.21 17.27
C GLY B 37 0.28 -6.73 17.29
N PHE B 38 1.44 -7.37 16.94
CA PHE B 38 1.57 -8.83 17.00
C PHE B 38 2.23 -9.31 18.31
N GLY B 39 2.43 -8.40 19.30
CA GLY B 39 2.99 -8.77 20.59
C GLY B 39 3.59 -7.59 21.38
N VAL B 40 4.27 -7.94 22.48
CA VAL B 40 5.00 -7.04 23.36
C VAL B 40 6.41 -7.62 23.51
N VAL B 41 7.43 -6.75 23.56
CA VAL B 41 8.82 -7.15 23.71
C VAL B 41 9.26 -6.76 25.11
N TYR B 42 9.47 -7.75 25.96
CA TYR B 42 9.90 -7.51 27.33
C TYR B 42 11.39 -7.77 27.53
N LYS B 43 12.06 -6.98 28.40
CA LYS B 43 13.46 -7.19 28.78
C LYS B 43 13.49 -8.29 29.83
N GLY B 44 14.24 -9.35 29.59
CA GLY B 44 14.37 -10.48 30.52
C GLY B 44 15.84 -10.70 30.87
N TYR B 45 16.10 -11.56 31.85
CA TYR B 45 17.45 -11.93 32.29
C TYR B 45 17.45 -13.44 32.47
N VAL B 46 17.99 -14.18 31.51
CA VAL B 46 18.06 -15.64 31.60
C VAL B 46 19.55 -16.02 31.77
N ASN B 47 19.90 -16.96 32.71
CA ASN B 47 21.31 -17.29 33.05
C ASN B 47 21.91 -15.92 33.51
N ASN B 48 23.04 -15.48 32.92
CA ASN B 48 23.57 -14.13 33.08
C ASN B 48 23.32 -13.32 31.74
N THR B 49 22.83 -14.00 30.66
CA THR B 49 22.48 -13.44 29.35
C THR B 49 21.24 -12.50 29.48
N THR B 50 21.38 -11.16 29.22
CA THR B 50 20.19 -10.30 29.20
C THR B 50 19.49 -10.66 27.89
N VAL B 51 18.16 -10.74 27.93
CA VAL B 51 17.37 -11.18 26.78
C VAL B 51 16.20 -10.28 26.46
N ALA B 52 15.63 -10.54 25.29
CA ALA B 52 14.43 -9.90 24.78
C ALA B 52 13.42 -11.02 24.62
N VAL B 53 12.30 -10.93 25.36
CA VAL B 53 11.24 -11.95 25.34
C VAL B 53 10.03 -11.34 24.60
N LYS B 54 9.59 -11.95 23.50
CA LYS B 54 8.48 -11.41 22.73
C LYS B 54 7.29 -12.29 22.95
N LYS B 55 6.28 -11.81 23.74
CA LYS B 55 5.03 -12.54 24.00
C LYS B 55 3.99 -12.03 22.98
N LEU B 56 3.41 -12.95 22.18
CA LEU B 56 2.45 -12.56 21.15
C LEU B 56 1.05 -12.22 21.73
N ALA B 57 0.36 -11.21 21.12
CA ALA B 57 -0.96 -10.72 21.52
C ALA B 57 -1.82 -10.31 20.29
N ALA B 58 -2.88 -9.46 20.47
CA ALA B 58 -3.77 -9.02 19.38
N THR B 63 -6.39 -13.22 15.02
CA THR B 63 -6.99 -14.55 15.19
C THR B 63 -6.02 -15.51 15.89
N THR B 64 -6.53 -16.59 16.49
CA THR B 64 -5.73 -17.58 17.22
C THR B 64 -4.86 -18.42 16.28
N GLU B 65 -5.44 -18.96 15.19
CA GLU B 65 -4.66 -19.76 14.23
C GLU B 65 -3.64 -18.87 13.53
N GLU B 66 -4.02 -17.59 13.26
CA GLU B 66 -3.13 -16.62 12.59
C GLU B 66 -1.87 -16.30 13.43
N LEU B 67 -1.97 -16.33 14.78
CA LEU B 67 -0.81 -16.08 15.65
C LEU B 67 0.11 -17.31 15.73
N LYS B 68 -0.45 -18.54 15.76
CA LYS B 68 0.37 -19.75 15.78
C LYS B 68 1.08 -19.97 14.42
N GLN B 69 0.42 -19.61 13.30
CA GLN B 69 1.06 -19.76 11.99
C GLN B 69 2.20 -18.73 11.87
N GLN B 70 1.98 -17.53 12.42
CA GLN B 70 2.94 -16.41 12.46
C GLN B 70 4.13 -16.81 13.39
N PHE B 71 3.81 -17.42 14.54
CA PHE B 71 4.79 -17.90 15.51
C PHE B 71 5.66 -18.97 14.86
N ASP B 72 5.05 -20.07 14.37
CA ASP B 72 5.82 -21.16 13.73
C ASP B 72 6.62 -20.70 12.51
N GLN B 73 6.16 -19.66 11.81
CA GLN B 73 6.88 -19.12 10.66
C GLN B 73 8.18 -18.42 11.12
N GLU B 74 8.12 -17.69 12.26
CA GLU B 74 9.29 -16.98 12.80
C GLU B 74 10.38 -17.97 13.19
N ILE B 75 9.98 -19.12 13.77
CA ILE B 75 10.88 -20.19 14.15
C ILE B 75 11.43 -20.89 12.91
N LYS B 76 10.62 -21.09 11.88
CA LYS B 76 11.08 -21.73 10.64
C LYS B 76 12.14 -20.85 9.92
N VAL B 77 11.94 -19.50 9.95
CA VAL B 77 12.86 -18.54 9.33
C VAL B 77 14.14 -18.47 10.18
N MET B 78 13.97 -18.41 11.52
CA MET B 78 15.10 -18.32 12.44
C MET B 78 15.96 -19.59 12.43
N ALA B 79 15.31 -20.76 12.30
CA ALA B 79 15.99 -22.05 12.19
C ALA B 79 16.89 -22.04 10.96
N LYS B 80 16.35 -21.54 9.84
CA LYS B 80 17.07 -21.48 8.57
C LYS B 80 18.15 -20.40 8.51
N CYS B 81 17.72 -19.15 8.57
CA CYS B 81 18.55 -17.98 8.34
C CYS B 81 19.27 -17.43 9.57
N GLN B 82 20.61 -17.59 9.59
CA GLN B 82 21.51 -17.10 10.63
C GLN B 82 22.56 -16.17 9.97
N HIS B 83 22.63 -14.89 10.41
CA HIS B 83 23.54 -13.90 9.83
C HIS B 83 23.88 -12.82 10.86
N GLU B 84 25.02 -12.09 10.67
CA GLU B 84 25.45 -10.96 11.55
C GLU B 84 24.40 -9.82 11.56
N ASN B 85 23.62 -9.64 10.47
CA ASN B 85 22.65 -8.57 10.37
C ASN B 85 21.21 -9.04 10.53
N LEU B 86 21.01 -10.14 11.24
CA LEU B 86 19.68 -10.64 11.58
C LEU B 86 19.69 -10.92 13.06
N VAL B 87 18.61 -10.58 13.75
CA VAL B 87 18.52 -10.85 15.20
C VAL B 87 18.56 -12.37 15.43
N GLU B 88 19.09 -12.81 16.59
CA GLU B 88 19.26 -14.22 16.96
C GLU B 88 18.23 -14.73 17.94
N LEU B 89 17.56 -15.82 17.62
CA LEU B 89 16.56 -16.43 18.51
C LEU B 89 17.27 -17.44 19.43
N LEU B 90 17.23 -17.23 20.75
CA LEU B 90 17.85 -18.15 21.69
C LEU B 90 16.90 -19.32 21.91
N GLY B 91 15.60 -19.05 22.08
CA GLY B 91 14.58 -20.07 22.33
C GLY B 91 13.16 -19.56 22.17
N PHE B 92 12.22 -20.22 22.84
CA PHE B 92 10.79 -19.88 22.79
C PHE B 92 10.00 -20.62 23.89
N SER B 93 8.75 -20.22 24.11
CA SER B 93 7.85 -20.85 25.08
C SER B 93 6.48 -21.04 24.44
N SER B 94 6.14 -22.29 24.10
CA SER B 94 4.87 -22.67 23.45
C SER B 94 3.84 -23.27 24.45
N ASP B 95 4.31 -23.94 25.53
CA ASP B 95 3.42 -24.55 26.52
C ASP B 95 2.61 -23.49 27.29
N GLY B 96 1.39 -23.21 26.75
CA GLY B 96 0.45 -22.24 27.29
C GLY B 96 -0.38 -21.59 26.17
N ASP B 97 -1.37 -20.76 26.57
CA ASP B 97 -2.22 -20.02 25.63
C ASP B 97 -1.36 -18.96 24.96
N ASP B 98 -0.49 -18.28 25.76
CA ASP B 98 0.44 -17.28 25.27
C ASP B 98 1.64 -17.98 24.59
N LEU B 99 2.26 -17.30 23.59
CA LEU B 99 3.42 -17.81 22.85
C LEU B 99 4.54 -16.80 22.96
N CYS B 100 5.72 -17.22 23.47
CA CYS B 100 6.88 -16.35 23.65
C CYS B 100 8.01 -16.73 22.71
N LEU B 101 8.86 -15.75 22.37
CA LEU B 101 10.04 -15.95 21.53
C LEU B 101 11.16 -15.21 22.23
N VAL B 102 12.25 -15.93 22.56
CA VAL B 102 13.36 -15.37 23.31
C VAL B 102 14.53 -15.11 22.38
N TYR B 103 15.08 -13.90 22.45
CA TYR B 103 16.19 -13.51 21.59
C TYR B 103 17.34 -12.88 22.34
N VAL B 104 18.48 -12.82 21.68
CA VAL B 104 19.65 -12.15 22.21
C VAL B 104 19.27 -10.66 22.23
N TYR B 105 19.34 -10.04 23.41
CA TYR B 105 19.01 -8.64 23.63
C TYR B 105 19.84 -7.67 22.76
N MET B 106 19.19 -6.56 22.33
CA MET B 106 19.79 -5.50 21.53
C MET B 106 19.83 -4.22 22.40
N PRO B 107 21.02 -3.94 23.01
CA PRO B 107 21.23 -2.80 23.86
C PRO B 107 20.78 -1.45 23.29
N ASN B 108 21.19 -1.10 22.05
CA ASN B 108 20.82 0.18 21.47
C ASN B 108 19.38 0.22 20.88
N GLY B 109 18.52 -0.83 21.11
CA GLY B 109 17.12 -0.87 20.66
C GLY B 109 16.88 -0.68 19.14
N SER B 110 15.72 -0.10 18.76
CA SER B 110 15.34 0.06 17.35
C SER B 110 15.94 1.28 16.68
N LEU B 111 16.13 1.26 15.33
CA LEU B 111 16.67 2.38 14.56
C LEU B 111 15.70 3.55 14.63
N LEU B 112 14.41 3.25 14.78
CA LEU B 112 13.40 4.29 14.93
C LEU B 112 13.71 5.13 16.22
N ASP B 113 13.85 4.43 17.34
CA ASP B 113 14.11 5.06 18.62
C ASP B 113 15.47 5.81 18.63
N ARG B 114 16.51 5.28 17.95
CA ARG B 114 17.79 6.00 17.90
C ARG B 114 17.73 7.19 16.95
N LEU B 115 16.86 7.12 15.92
CA LEU B 115 16.68 8.27 15.04
C LEU B 115 15.87 9.39 15.72
N SER B 116 15.00 9.03 16.68
CA SER B 116 14.17 10.01 17.37
C SER B 116 14.84 10.50 18.64
N CYS B 117 15.99 9.86 19.03
CA CYS B 117 16.76 10.12 20.24
C CYS B 117 15.88 9.87 21.43
N LEU B 118 15.04 8.84 21.33
CA LEU B 118 14.15 8.46 22.40
C LEU B 118 14.93 8.29 23.70
N ASP B 119 14.44 8.86 24.81
CA ASP B 119 15.06 8.80 26.16
C ASP B 119 16.39 9.52 26.26
N GLY B 120 16.63 10.50 25.40
CA GLY B 120 17.82 11.33 25.47
C GLY B 120 19.09 10.69 25.00
N THR B 121 19.02 9.71 24.12
CA THR B 121 20.26 9.12 23.59
C THR B 121 20.84 10.13 22.62
N PRO B 122 22.15 10.13 22.39
CA PRO B 122 22.70 11.10 21.44
C PRO B 122 22.31 10.76 19.98
N PRO B 123 22.14 11.78 19.12
CA PRO B 123 21.80 11.51 17.71
C PRO B 123 22.85 10.63 17.02
N LEU B 124 22.46 9.73 16.11
CA LEU B 124 23.45 8.89 15.40
C LEU B 124 24.34 9.74 14.40
N SER B 125 25.65 9.50 14.38
CA SER B 125 26.48 10.23 13.43
C SER B 125 26.16 9.72 12.03
N TRP B 126 26.58 10.49 11.00
CA TRP B 126 26.42 10.03 9.62
C TRP B 126 27.24 8.78 9.41
N HIS B 127 28.43 8.74 10.01
CA HIS B 127 29.30 7.59 9.96
C HIS B 127 28.57 6.36 10.50
N MET B 128 27.96 6.48 11.69
CA MET B 128 27.18 5.37 12.23
C MET B 128 25.99 4.99 11.31
N ARG B 129 25.31 5.99 10.72
CA ARG B 129 24.16 5.73 9.84
C ARG B 129 24.54 4.97 8.57
N CYS B 130 25.73 5.26 8.01
CA CYS B 130 26.23 4.51 6.87
C CYS B 130 26.52 3.09 7.28
N LYS B 131 27.07 2.88 8.49
CA LYS B 131 27.30 1.49 8.98
C LYS B 131 25.96 0.79 9.14
N ILE B 132 24.94 1.50 9.65
CA ILE B 132 23.61 0.91 9.86
C ILE B 132 22.92 0.55 8.51
N ALA B 133 22.95 1.46 7.52
CA ALA B 133 22.33 1.21 6.22
C ALA B 133 23.00 0.02 5.54
N GLN B 134 24.35 0.05 5.49
CA GLN B 134 25.18 -1.03 4.92
C GLN B 134 24.79 -2.37 5.51
N GLY B 135 24.73 -2.45 6.84
CA GLY B 135 24.35 -3.67 7.53
C GLY B 135 22.91 -4.07 7.35
N ALA B 136 21.97 -3.15 7.41
CA ALA B 136 20.59 -3.57 7.22
C ALA B 136 20.37 -4.23 5.82
N ALA B 137 21.01 -3.68 4.77
CA ALA B 137 20.94 -4.22 3.43
C ALA B 137 21.59 -5.59 3.35
N ASN B 138 22.66 -5.84 4.12
CA ASN B 138 23.30 -7.16 4.16
C ASN B 138 22.30 -8.13 4.78
N GLY B 139 21.55 -7.68 5.79
CA GLY B 139 20.54 -8.51 6.44
C GLY B 139 19.43 -8.89 5.46
N ILE B 140 18.88 -7.88 4.73
CA ILE B 140 17.83 -8.09 3.72
C ILE B 140 18.39 -8.97 2.59
N ASN B 141 19.67 -8.77 2.21
CA ASN B 141 20.26 -9.57 1.14
C ASN B 141 20.30 -11.02 1.53
N PHE B 142 20.70 -11.30 2.77
CA PHE B 142 20.73 -12.68 3.24
C PHE B 142 19.32 -13.29 3.20
N LEU B 143 18.27 -12.53 3.53
CA LEU B 143 16.89 -13.03 3.42
C LEU B 143 16.50 -13.36 1.98
N HIS B 144 16.89 -12.49 1.03
CA HIS B 144 16.54 -12.64 -0.38
C HIS B 144 17.38 -13.76 -1.03
N GLU B 145 18.68 -13.85 -0.71
CA GLU B 145 19.52 -14.95 -1.21
C GLU B 145 18.89 -16.27 -0.77
N ASN B 146 18.24 -16.29 0.42
CA ASN B 146 17.55 -17.47 0.94
C ASN B 146 16.05 -17.48 0.58
N HIS B 147 15.67 -16.81 -0.53
CA HIS B 147 14.30 -16.75 -1.05
C HIS B 147 13.26 -16.51 0.01
N HIS B 148 13.47 -15.48 0.85
CA HIS B 148 12.52 -15.07 1.89
C HIS B 148 12.17 -13.61 1.66
N ILE B 149 10.95 -13.26 2.02
CA ILE B 149 10.43 -11.91 1.86
C ILE B 149 10.11 -11.50 3.30
N HIS B 150 10.64 -10.36 3.76
CA HIS B 150 10.38 -9.88 5.10
C HIS B 150 8.95 -9.43 5.28
N ARG B 151 8.43 -8.61 4.34
CA ARG B 151 7.05 -8.06 4.35
C ARG B 151 6.79 -6.96 5.41
N ASP B 152 7.80 -6.55 6.22
CA ASP B 152 7.63 -5.49 7.21
C ASP B 152 8.98 -4.81 7.55
N ILE B 153 9.73 -4.46 6.51
CA ILE B 153 11.01 -3.76 6.60
C ILE B 153 10.69 -2.34 7.01
N LYS B 154 11.28 -1.89 8.12
CA LYS B 154 11.07 -0.56 8.67
C LYS B 154 12.03 -0.34 9.84
N SER B 155 12.20 0.93 10.24
CA SER B 155 13.12 1.34 11.29
C SER B 155 12.81 0.72 12.63
N ALA B 156 11.53 0.50 12.94
CA ALA B 156 11.21 -0.14 14.21
C ALA B 156 11.67 -1.63 14.22
N ASN B 157 11.84 -2.28 13.01
CA ASN B 157 12.30 -3.66 12.87
C ASN B 157 13.78 -3.78 12.46
N ILE B 158 14.58 -2.71 12.66
CA ILE B 158 16.03 -2.76 12.48
C ILE B 158 16.57 -2.48 13.88
N LEU B 159 17.12 -3.48 14.55
CA LEU B 159 17.65 -3.31 15.89
C LEU B 159 19.15 -3.12 15.88
N LEU B 160 19.63 -2.42 16.92
CA LEU B 160 21.02 -2.01 17.07
C LEU B 160 21.59 -2.58 18.35
N ASP B 161 22.73 -3.25 18.21
CA ASP B 161 23.38 -3.87 19.34
C ASP B 161 24.34 -2.88 19.94
N GLU B 162 25.01 -3.31 20.99
CA GLU B 162 26.07 -2.58 21.69
C GLU B 162 26.95 -1.69 20.73
N ALA B 163 27.35 -2.22 19.54
CA ALA B 163 28.21 -1.57 18.56
C ALA B 163 27.47 -0.93 17.39
N PHE B 164 26.13 -0.79 17.49
CA PHE B 164 25.25 -0.25 16.43
C PHE B 164 25.31 -1.05 15.15
N THR B 165 25.38 -2.37 15.31
CA THR B 165 25.32 -3.31 14.19
C THR B 165 23.84 -3.46 13.91
N ALA B 166 23.42 -3.13 12.68
CA ALA B 166 22.00 -3.23 12.34
C ALA B 166 21.60 -4.73 12.20
N LYS B 167 20.52 -5.12 12.88
CA LYS B 167 20.00 -6.49 12.89
C LYS B 167 18.51 -6.47 12.54
N ILE B 168 18.10 -7.13 11.42
CA ILE B 168 16.68 -7.17 11.02
C ILE B 168 15.94 -8.10 11.98
N SER B 169 14.69 -7.77 12.32
CA SER B 169 13.86 -8.52 13.27
C SER B 169 12.44 -8.65 12.78
N ASP B 170 11.64 -9.41 13.54
CA ASP B 170 10.22 -9.64 13.31
C ASP B 170 9.94 -10.25 11.94
N PHE B 171 10.13 -11.57 11.86
CA PHE B 171 9.90 -12.37 10.65
C PHE B 171 8.62 -13.21 10.82
N GLY B 172 7.61 -12.66 11.53
CA GLY B 172 6.32 -13.34 11.70
C GLY B 172 5.56 -13.33 10.38
N LEU B 173 5.54 -12.15 9.71
CA LEU B 173 4.87 -11.98 8.40
C LEU B 173 5.66 -12.59 7.25
N ALA B 174 6.95 -12.91 7.44
CA ALA B 174 7.84 -13.45 6.41
C ALA B 174 7.26 -14.60 5.57
N ARG B 175 7.54 -14.59 4.24
CA ARG B 175 7.08 -15.62 3.30
C ARG B 175 8.24 -16.06 2.40
N ALA B 176 8.33 -17.37 2.14
CA ALA B 176 9.35 -17.92 1.24
C ALA B 176 8.89 -17.69 -0.20
N SER B 177 9.84 -17.45 -1.13
CA SER B 177 9.56 -17.16 -2.55
C SER B 177 9.77 -18.38 -3.49
N GLU B 178 10.67 -19.33 -3.12
CA GLU B 178 10.95 -20.53 -3.92
N TPO B 183 5.67 -14.27 -8.34
CA TPO B 183 4.92 -13.32 -7.52
CB TPO B 183 4.80 -11.94 -8.20
CG2 TPO B 183 4.02 -10.92 -7.35
OG1 TPO B 183 6.14 -11.38 -8.38
P TPO B 183 6.51 -10.78 -9.80
O1P TPO B 183 5.35 -10.18 -10.63
O2P TPO B 183 7.52 -9.67 -9.56
O3P TPO B 183 7.16 -11.91 -10.61
C TPO B 183 3.56 -13.92 -7.09
O TPO B 183 2.87 -14.50 -7.93
N VAL B 184 3.19 -13.75 -5.80
CA VAL B 184 1.95 -14.26 -5.22
C VAL B 184 1.03 -13.08 -4.85
N MET B 185 -0.26 -13.37 -4.68
CA MET B 185 -1.30 -12.42 -4.28
C MET B 185 -1.88 -12.92 -2.96
N TPO B 186 -2.40 -12.03 -2.10
CA TPO B 186 -3.00 -12.41 -0.82
CB TPO B 186 -2.05 -12.53 0.45
CG2 TPO B 186 -1.44 -11.16 0.88
OG1 TPO B 186 -2.81 -13.07 1.60
P TPO B 186 -2.46 -14.47 2.25
O1P TPO B 186 -3.76 -15.29 2.39
O2P TPO B 186 -1.39 -15.32 1.55
O3P TPO B 186 -1.94 -14.15 3.66
C TPO B 186 -4.22 -11.54 -0.47
O TPO B 186 -4.26 -10.35 -0.78
N SEP B 187 -5.22 -12.17 0.18
CA SEP B 187 -6.43 -11.50 0.67
CB SEP B 187 -7.60 -12.51 0.64
OG SEP B 187 -7.23 -13.73 1.33
C SEP B 187 -6.21 -10.87 2.06
O SEP B 187 -7.03 -10.06 2.50
P SEP B 187 -8.34 -14.81 1.25
O1P SEP B 187 -9.75 -14.24 1.59
O2P SEP B 187 -8.01 -15.88 2.30
O3P SEP B 187 -8.31 -15.44 -0.16
N ARG B 188 -5.10 -11.24 2.76
CA ARG B 188 -4.75 -10.73 4.08
C ARG B 188 -3.52 -9.83 3.89
N ILE B 189 -3.79 -8.53 3.63
CA ILE B 189 -2.73 -7.53 3.40
C ILE B 189 -2.15 -7.13 4.74
N VAL B 190 -0.82 -7.24 4.87
CA VAL B 190 -0.07 -6.90 6.08
C VAL B 190 1.20 -6.09 5.76
N GLY B 191 1.66 -5.29 6.75
CA GLY B 191 2.81 -4.39 6.68
C GLY B 191 2.44 -3.05 7.34
N THR B 192 3.34 -2.06 7.29
CA THR B 192 3.10 -0.73 7.87
C THR B 192 2.85 0.24 6.70
N THR B 193 1.60 0.69 6.55
CA THR B 193 1.16 1.54 5.44
C THR B 193 2.23 2.50 4.94
N ALA B 194 2.79 3.32 5.88
CA ALA B 194 3.79 4.35 5.59
C ALA B 194 5.08 3.86 4.93
N TYR B 195 5.35 2.56 4.99
CA TYR B 195 6.50 1.93 4.39
C TYR B 195 6.17 1.08 3.20
N MET B 196 4.90 0.66 3.03
CA MET B 196 4.53 -0.29 1.99
C MET B 196 4.55 0.27 0.60
N ALA B 197 4.96 -0.60 -0.32
CA ALA B 197 4.97 -0.30 -1.75
C ALA B 197 3.53 -0.30 -2.24
N PRO B 198 3.27 0.33 -3.41
CA PRO B 198 1.90 0.33 -3.94
C PRO B 198 1.38 -1.13 -4.11
N GLU B 199 2.13 -2.00 -4.81
CA GLU B 199 1.70 -3.37 -5.03
C GLU B 199 1.46 -4.18 -3.75
N ALA B 200 2.27 -3.96 -2.69
CA ALA B 200 2.07 -4.66 -1.41
C ALA B 200 0.72 -4.29 -0.81
N LEU B 201 0.36 -3.00 -0.87
CA LEU B 201 -0.94 -2.53 -0.39
C LEU B 201 -2.09 -3.13 -1.21
N ARG B 202 -1.81 -3.57 -2.45
CA ARG B 202 -2.80 -4.17 -3.32
C ARG B 202 -2.86 -5.69 -3.23
N GLY B 203 -2.08 -6.32 -2.32
CA GLY B 203 -2.09 -7.77 -2.14
C GLY B 203 -0.87 -8.49 -2.69
N GLU B 204 -0.08 -7.88 -3.61
CA GLU B 204 1.09 -8.59 -4.14
C GLU B 204 2.07 -8.95 -3.06
N ILE B 205 2.86 -9.98 -3.32
CA ILE B 205 3.90 -10.46 -2.42
C ILE B 205 5.13 -10.62 -3.29
N THR B 206 6.12 -9.76 -3.10
CA THR B 206 7.35 -9.83 -3.89
C THR B 206 8.51 -9.22 -3.10
N PRO B 207 9.76 -9.76 -3.29
CA PRO B 207 10.92 -9.16 -2.61
C PRO B 207 10.98 -7.67 -2.93
N LYS B 208 10.62 -7.30 -4.15
CA LYS B 208 10.57 -5.91 -4.61
C LYS B 208 9.88 -4.96 -3.59
N SER B 209 8.86 -5.43 -2.86
CA SER B 209 8.19 -4.60 -1.85
C SER B 209 9.17 -4.24 -0.69
N ASP B 210 10.02 -5.21 -0.26
CA ASP B 210 11.04 -4.99 0.78
C ASP B 210 12.03 -3.89 0.36
N ILE B 211 12.35 -3.82 -0.95
CA ILE B 211 13.28 -2.81 -1.47
C ILE B 211 12.64 -1.41 -1.33
N TYR B 212 11.34 -1.29 -1.65
CA TYR B 212 10.65 0.00 -1.53
C TYR B 212 10.66 0.45 -0.06
N SER B 213 10.22 -0.45 0.85
CA SER B 213 10.24 -0.20 2.28
C SER B 213 11.67 0.18 2.77
N PHE B 214 12.68 -0.53 2.29
CA PHE B 214 14.06 -0.17 2.64
C PHE B 214 14.38 1.25 2.13
N GLY B 215 13.76 1.71 1.02
CA GLY B 215 13.91 3.07 0.51
C GLY B 215 13.38 4.11 1.51
N VAL B 216 12.24 3.85 2.12
CA VAL B 216 11.67 4.74 3.13
C VAL B 216 12.65 4.80 4.31
N VAL B 217 13.21 3.64 4.71
CA VAL B 217 14.19 3.57 5.81
C VAL B 217 15.38 4.50 5.55
N LEU B 218 15.93 4.47 4.32
CA LEU B 218 17.05 5.35 3.98
C LEU B 218 16.65 6.82 4.12
N LEU B 219 15.42 7.18 3.76
CA LEU B 219 14.95 8.53 3.96
C LEU B 219 14.87 8.84 5.45
N GLU B 220 14.46 7.87 6.30
CA GLU B 220 14.43 8.12 7.74
C GLU B 220 15.85 8.32 8.26
N ILE B 221 16.79 7.47 7.81
CA ILE B 221 18.21 7.60 8.18
C ILE B 221 18.76 9.02 7.80
N ILE B 222 18.55 9.46 6.53
CA ILE B 222 19.02 10.78 6.04
C ILE B 222 18.37 11.94 6.80
N THR B 223 17.05 11.94 6.82
CA THR B 223 16.27 13.05 7.36
C THR B 223 16.03 13.03 8.84
N GLY B 224 16.15 11.86 9.49
CA GLY B 224 15.86 11.73 10.91
C GLY B 224 14.36 11.84 11.23
N LEU B 225 13.48 11.98 10.21
CA LEU B 225 12.01 12.14 10.35
C LEU B 225 11.35 10.77 10.34
N PRO B 226 10.26 10.57 11.08
CA PRO B 226 9.52 9.29 11.05
C PRO B 226 8.72 9.11 9.73
N ALA B 227 8.59 7.86 9.19
CA ALA B 227 7.87 7.61 7.92
C ALA B 227 6.50 8.30 7.83
N VAL B 228 5.79 8.38 8.96
CA VAL B 228 4.53 9.10 8.99
C VAL B 228 4.44 9.95 10.27
N ASP B 229 3.97 11.20 10.11
CA ASP B 229 3.75 12.17 11.19
C ASP B 229 2.50 13.00 10.77
N GLU B 230 1.33 12.87 11.46
CA GLU B 230 0.14 13.64 11.05
C GLU B 230 0.34 15.15 11.20
N HIS B 231 1.09 15.57 12.22
CA HIS B 231 1.40 16.99 12.48
C HIS B 231 2.64 17.36 11.63
N ARG B 232 2.55 17.17 10.28
CA ARG B 232 3.64 17.43 9.33
C ARG B 232 3.11 17.52 7.89
N GLU B 233 3.85 18.20 7.02
CA GLU B 233 3.48 18.37 5.63
C GLU B 233 4.76 18.15 4.80
N PRO B 234 4.83 17.06 3.98
CA PRO B 234 3.83 16.00 3.79
C PRO B 234 3.80 15.10 5.02
N GLN B 235 2.62 14.58 5.39
CA GLN B 235 2.53 13.68 6.54
C GLN B 235 3.28 12.36 6.29
N LEU B 236 3.37 11.89 5.01
CA LEU B 236 4.09 10.67 4.64
C LEU B 236 5.44 11.04 4.09
N LEU B 237 6.53 10.55 4.73
CA LEU B 237 7.91 10.87 4.36
C LEU B 237 8.21 10.60 2.89
N LEU B 238 7.78 9.44 2.32
CA LEU B 238 8.05 9.08 0.91
C LEU B 238 7.62 10.16 -0.11
N ASP B 239 6.65 11.05 0.27
CA ASP B 239 6.25 12.15 -0.61
C ASP B 239 7.43 13.13 -0.87
N ILE B 240 8.35 13.32 0.12
CA ILE B 240 9.50 14.23 -0.07
C ILE B 240 10.31 13.92 -1.34
N LYS B 241 10.30 12.66 -1.82
CA LYS B 241 10.97 12.28 -3.06
C LYS B 241 10.46 13.16 -4.20
N GLU B 242 9.14 13.34 -4.28
CA GLU B 242 8.49 14.12 -5.34
C GLU B 242 8.82 15.60 -5.18
N GLU B 243 8.72 16.16 -3.95
CA GLU B 243 9.10 17.56 -3.69
C GLU B 243 10.50 17.85 -4.25
N ILE B 244 11.46 16.95 -4.01
CA ILE B 244 12.83 17.10 -4.47
C ILE B 244 12.92 16.91 -6.01
N GLU B 245 12.36 15.79 -6.55
CA GLU B 245 12.34 15.50 -7.99
C GLU B 245 11.68 16.63 -8.79
N ASP B 246 10.61 17.24 -8.23
CA ASP B 246 9.94 18.41 -8.82
C ASP B 246 10.58 19.72 -8.27
N GLU B 247 11.94 19.72 -8.08
CA GLU B 247 12.88 20.79 -7.68
C GLU B 247 12.36 21.93 -6.73
N GLU B 248 11.28 21.71 -5.94
CA GLU B 248 10.80 22.74 -5.00
C GLU B 248 11.83 22.85 -3.86
N LYS B 249 12.23 21.67 -3.33
CA LYS B 249 13.24 21.52 -2.29
C LYS B 249 14.41 20.67 -2.84
N THR B 250 15.46 20.52 -2.03
CA THR B 250 16.62 19.69 -2.33
C THR B 250 16.86 18.74 -1.13
N ILE B 251 17.65 17.68 -1.37
CA ILE B 251 17.99 16.69 -0.33
C ILE B 251 18.53 17.45 0.88
N GLU B 252 19.43 18.43 0.63
CA GLU B 252 20.09 19.27 1.63
C GLU B 252 19.09 19.90 2.58
N ASP B 253 17.92 20.32 2.08
CA ASP B 253 16.89 20.94 2.93
C ASP B 253 16.27 19.94 3.91
N TYR B 254 16.35 18.63 3.62
CA TYR B 254 15.76 17.57 4.44
C TYR B 254 16.75 16.80 5.35
N ILE B 255 18.08 16.93 5.12
CA ILE B 255 19.11 16.24 5.90
C ILE B 255 18.91 16.49 7.39
N ASP B 256 19.15 15.44 8.21
CA ASP B 256 18.99 15.56 9.64
C ASP B 256 19.90 16.67 10.12
N LYS B 257 19.32 17.69 10.78
CA LYS B 257 20.16 18.74 11.36
C LYS B 257 20.97 18.22 12.56
N LYS B 258 20.63 17.05 13.12
CA LYS B 258 21.31 16.53 14.31
C LYS B 258 22.57 15.72 13.97
N MET B 259 23.45 16.25 13.06
CA MET B 259 24.70 15.60 12.67
C MET B 259 25.80 16.63 12.36
N ASN B 260 27.04 16.38 12.81
CA ASN B 260 28.18 17.28 12.52
C ASN B 260 29.07 16.77 11.36
N ASP B 261 28.94 15.46 10.98
CA ASP B 261 29.80 14.77 10.00
C ASP B 261 29.14 14.30 8.69
N ALA B 262 27.89 14.66 8.40
CA ALA B 262 27.24 14.22 7.16
C ALA B 262 27.61 15.12 6.00
N ASP B 263 28.50 14.65 5.10
CA ASP B 263 28.88 15.47 3.95
C ASP B 263 27.86 15.31 2.82
N SER B 264 27.56 16.40 2.11
CA SER B 264 26.59 16.42 1.01
C SER B 264 26.78 15.34 -0.05
N THR B 265 28.00 15.03 -0.43
CA THR B 265 28.25 14.03 -1.46
C THR B 265 27.71 12.65 -1.07
N SER B 266 28.05 12.14 0.14
CA SER B 266 27.60 10.79 0.55
C SER B 266 26.11 10.80 0.92
N VAL B 267 25.58 11.91 1.44
CA VAL B 267 24.14 12.00 1.73
C VAL B 267 23.38 11.88 0.40
N GLU B 268 23.78 12.65 -0.62
CA GLU B 268 23.18 12.57 -1.97
C GLU B 268 23.28 11.13 -2.52
N ALA B 269 24.44 10.48 -2.32
CA ALA B 269 24.63 9.12 -2.80
C ALA B 269 23.65 8.17 -2.09
N MET B 270 23.39 8.36 -0.78
CA MET B 270 22.42 7.52 -0.07
C MET B 270 21.02 7.79 -0.60
N TYR B 271 20.70 9.07 -0.77
CA TYR B 271 19.41 9.47 -1.33
C TYR B 271 19.21 8.89 -2.73
N SER B 272 20.27 8.83 -3.57
CA SER B 272 20.15 8.25 -4.91
C SER B 272 19.68 6.80 -4.81
N VAL B 273 20.23 6.04 -3.85
CA VAL B 273 19.77 4.69 -3.61
C VAL B 273 18.31 4.76 -3.16
N ALA B 274 17.98 5.64 -2.19
CA ALA B 274 16.61 5.77 -1.68
C ALA B 274 15.62 6.05 -2.80
N SER B 275 16.04 6.88 -3.79
CA SER B 275 15.20 7.29 -4.93
C SER B 275 14.98 6.10 -5.85
N GLN B 276 16.02 5.30 -6.07
CA GLN B 276 15.90 4.08 -6.89
C GLN B 276 14.98 3.07 -6.20
N CYS B 277 15.16 2.89 -4.91
CA CYS B 277 14.34 1.98 -4.10
C CYS B 277 12.88 2.36 -4.12
N LEU B 278 12.61 3.66 -4.02
CA LEU B 278 11.25 4.20 -4.01
C LEU B 278 10.60 4.30 -5.40
N HIS B 279 11.11 3.57 -6.42
CA HIS B 279 10.51 3.56 -7.74
C HIS B 279 9.11 2.92 -7.65
N GLU B 280 8.13 3.51 -8.30
CA GLU B 280 6.73 3.06 -8.21
C GLU B 280 6.50 1.79 -9.07
N LYS B 281 7.14 1.73 -10.24
CA LYS B 281 7.10 0.54 -11.06
C LYS B 281 8.04 -0.49 -10.39
N LYS B 282 7.48 -1.50 -9.73
CA LYS B 282 8.25 -2.53 -9.04
C LYS B 282 9.38 -3.14 -9.85
N ASN B 283 9.22 -3.25 -11.17
CA ASN B 283 10.29 -3.87 -11.98
C ASN B 283 11.43 -2.89 -12.31
N LYS B 284 11.25 -1.58 -12.03
CA LYS B 284 12.28 -0.56 -12.22
C LYS B 284 13.15 -0.36 -10.97
N ARG B 285 12.80 -1.01 -9.82
CA ARG B 285 13.58 -0.93 -8.58
C ARG B 285 14.81 -1.80 -8.66
N PRO B 286 15.89 -1.44 -7.92
CA PRO B 286 17.11 -2.25 -7.93
C PRO B 286 16.92 -3.48 -7.06
N ASP B 287 17.73 -4.51 -7.29
CA ASP B 287 17.64 -5.68 -6.41
C ASP B 287 18.51 -5.35 -5.20
N ILE B 288 18.37 -6.14 -4.13
CA ILE B 288 19.12 -5.90 -2.90
C ILE B 288 20.63 -6.00 -3.11
N LYS B 289 21.09 -6.90 -3.99
CA LYS B 289 22.53 -7.02 -4.28
C LYS B 289 23.06 -5.74 -4.94
N LYS B 290 22.19 -5.04 -5.73
CA LYS B 290 22.56 -3.76 -6.33
C LYS B 290 22.56 -2.67 -5.24
N VAL B 291 21.56 -2.70 -4.35
CA VAL B 291 21.46 -1.75 -3.24
C VAL B 291 22.73 -1.88 -2.35
N GLN B 292 23.19 -3.11 -2.06
CA GLN B 292 24.40 -3.33 -1.28
C GLN B 292 25.59 -2.70 -1.97
N GLN B 293 25.72 -2.89 -3.30
CA GLN B 293 26.84 -2.36 -4.07
C GLN B 293 26.86 -0.84 -4.00
N LEU B 294 25.72 -0.21 -4.21
CA LEU B 294 25.64 1.25 -4.17
C LEU B 294 25.95 1.82 -2.78
N LEU B 295 25.57 1.08 -1.71
CA LEU B 295 25.82 1.51 -0.33
C LEU B 295 27.30 1.28 0.06
N GLN B 296 27.93 0.20 -0.41
CA GLN B 296 29.37 -0.02 -0.14
C GLN B 296 30.23 1.02 -0.93
N GLU B 297 29.82 1.32 -2.19
CA GLU B 297 30.44 2.33 -3.05
C GLU B 297 30.35 3.72 -2.40
N MET B 298 29.29 3.99 -1.64
CA MET B 298 29.07 5.28 -0.95
C MET B 298 30.25 5.66 -0.02
N THR B 299 30.92 4.65 0.61
CA THR B 299 32.07 4.87 1.50
C THR B 299 33.40 4.43 0.82
N ALA B 300 33.61 4.86 -0.45
CA ALA B 300 34.81 4.53 -1.23
N01 6YD C . 14.44 -5.55 21.34
C02 6YD C . 15.33 -6.59 21.27
O03 6YD C . 16.43 -6.54 21.82
C04 6YD C . 14.98 -7.72 20.35
N05 6YD C . 13.76 -7.70 19.78
C06 6YD C . 13.47 -8.66 18.88
C07 6YD C . 14.39 -9.63 18.49
C08 6YD C . 15.64 -9.61 19.06
C09 6YD C . 15.95 -8.65 20.00
C10 6YD C . 12.12 -8.59 18.28
C11 6YD C . 11.39 -9.57 17.58
N12 6YD C . 10.21 -9.13 17.18
N13 6YD C . 10.17 -7.80 17.64
C14 6YD C . 11.30 -7.48 18.27
C15 6YD C . 14.75 -4.31 21.98
C16 6YD C . 15.78 -3.96 22.89
N17 6YD C . 15.62 -2.66 23.19
N18 6YD C . 14.57 -2.09 22.55
C19 6YD C . 14.04 -3.08 21.81
C20 6YD C . 16.44 -1.85 24.07
C21 6YD C . 12.90 -2.84 20.92
N22 6YD C . 12.63 -1.57 20.61
O23 6YD C . 12.25 -3.81 20.46
C24 6YD C . 9.02 -6.93 17.41
#